data_7MMD
#
_entry.id   7MMD
#
_cell.length_a   55.151
_cell.length_b   58.700
_cell.length_c   59.858
_cell.angle_alpha   90.000
_cell.angle_beta   90.000
_cell.angle_gamma   90.000
#
_symmetry.space_group_name_H-M   'P 21 21 21'
#
loop_
_entity.id
_entity.type
_entity.pdbx_description
1 polymer 'NS3/4A protease'
2 non-polymer 1,2-ETHANEDIOL
3 non-polymer 'ZINC ION'
4 non-polymer 'cyclopentyl {(2R,4S,6S,12Z,13aS,14aR,16aS)-2-[(7-methoxy-3-methylquinoxalin-2-yl)oxy]-14a-[(1-methylcyclopropane-1-sulfonyl)carbamoyl]-5,16-dioxo-1,2,3,5,6,7,8,9,10,11,13a,14,14a,15,16,16a-hexadecahydrocyclopropa[e]pyrrolo[1,2-a][1,4]diazacyclopentadecin-6-yl}carbamate'
5 non-polymer 'SULFATE ION'
6 water water
#
_entity_poly.entity_id   1
_entity_poly.type   'polypeptide(L)'
_entity_poly.pdbx_seq_one_letter_code
;HMASMKKKGSVVIVGRINLSGDTAYAQQTRGEEGCQETSQTGRDKNQVEGEVQIVSTATQTFLATSINGVLWTVYHGAGT
RTIASPKGPVTQMYTNVDKDLVGWQAPQGSRSLTPCTCGSSDLYLVTRHADVIPVRRRGDSRGSLLSPRPISYLKGSSGG
PLLCPAGHAVGIFRAAVSTRGVAKAVAFIPVESLETTMRS
;
_entity_poly.pdbx_strand_id   A
#
loop_
_chem_comp.id
_chem_comp.type
_chem_comp.name
_chem_comp.formula
EDO non-polymer 1,2-ETHANEDIOL 'C2 H6 O2'
SO4 non-polymer 'SULFATE ION' 'O4 S -2'
ZJP non-polymer 'cyclopentyl {(2R,4S,6S,12Z,13aS,14aR,16aS)-2-[(7-methoxy-3-methylquinoxalin-2-yl)oxy]-14a-[(1-methylcyclopropane-1-sulfonyl)carbamoyl]-5,16-dioxo-1,2,3,5,6,7,8,9,10,11,13a,14,14a,15,16,16a-hexadecahydrocyclopropa[e]pyrrolo[1,2-a][1,4]diazacyclopentadecin-6-yl}carbamate' 'C38 H50 N6 O9 S'
ZN non-polymer 'ZINC ION' 'Zn 2'
#
# COMPACT_ATOMS: atom_id res chain seq x y z
N MET A 2 24.64 1.57 -23.85
CA MET A 2 25.08 2.58 -22.89
C MET A 2 24.41 3.92 -23.20
N ALA A 3 24.51 4.33 -24.48
CA ALA A 3 23.89 5.59 -24.89
C ALA A 3 22.38 5.52 -24.79
N SER A 4 21.80 4.33 -24.98
CA SER A 4 20.35 4.16 -24.99
C SER A 4 19.82 3.65 -23.65
N MET A 5 20.64 3.62 -22.62
CA MET A 5 20.24 3.11 -21.32
C MET A 5 19.01 3.85 -20.80
N LYS A 6 17.92 3.12 -20.62
CA LYS A 6 16.70 3.68 -20.07
C LYS A 6 16.69 3.55 -18.54
N LYS A 7 15.91 4.41 -17.91
CA LYS A 7 15.69 4.37 -16.46
C LYS A 7 14.22 4.09 -16.18
N LYS A 8 13.95 3.27 -15.18
CA LYS A 8 12.59 3.00 -14.78
C LYS A 8 11.95 4.26 -14.20
N GLY A 9 10.65 4.38 -14.34
CA GLY A 9 9.96 5.54 -13.85
C GLY A 9 9.71 5.47 -12.35
N SER A 10 9.18 6.58 -11.82
CA SER A 10 8.82 6.64 -10.42
C SER A 10 7.45 5.99 -10.20
N VAL A 11 7.27 5.44 -9.00
CA VAL A 11 5.92 5.17 -8.50
C VAL A 11 5.17 6.48 -8.42
N VAL A 12 3.89 6.44 -8.79
CA VAL A 12 3.04 7.63 -8.84
C VAL A 12 1.79 7.38 -8.01
N ILE A 13 1.41 8.36 -7.20
CA ILE A 13 0.12 8.33 -6.53
C ILE A 13 -0.95 8.69 -7.54
N VAL A 14 -1.93 7.81 -7.72
CA VAL A 14 -3.02 8.03 -8.67
C VAL A 14 -4.38 8.12 -8.00
N GLY A 15 -4.45 7.93 -6.69
CA GLY A 15 -5.73 8.05 -6.00
C GLY A 15 -5.54 7.70 -4.54
N ARG A 16 -6.67 7.50 -3.86
CA ARG A 16 -6.62 7.18 -2.44
C ARG A 16 -7.88 6.44 -2.05
N ILE A 17 -7.81 5.77 -0.91
CA ILE A 17 -8.98 5.19 -0.27
C ILE A 17 -9.41 6.15 0.83
N ASN A 18 -10.62 6.70 0.69
CA ASN A 18 -11.11 7.69 1.64
C ASN A 18 -11.73 6.95 2.82
N LEU A 19 -11.10 7.10 3.99
CA LEU A 19 -11.62 6.58 5.25
C LEU A 19 -12.04 7.72 6.17
N SER A 20 -12.25 8.91 5.60
CA SER A 20 -12.56 10.09 6.40
C SER A 20 -13.86 9.93 7.17
N GLY A 21 -14.90 9.43 6.50
CA GLY A 21 -16.24 9.51 7.03
C GLY A 21 -16.85 8.17 7.39
N ASP A 22 -18.17 8.07 7.24
CA ASP A 22 -18.89 6.85 7.55
C ASP A 22 -18.75 5.79 6.47
N THR A 23 -18.47 6.20 5.24
CA THR A 23 -18.44 5.31 4.09
C THR A 23 -17.05 5.35 3.47
N ALA A 24 -16.45 4.19 3.29
CA ALA A 24 -15.15 4.12 2.64
C ALA A 24 -15.33 4.09 1.13
N TYR A 25 -14.49 4.84 0.42
CA TYR A 25 -14.62 4.87 -1.03
C TYR A 25 -13.31 5.28 -1.66
N ALA A 26 -13.06 4.71 -2.84
CA ALA A 26 -11.89 5.03 -3.62
C ALA A 26 -12.11 6.33 -4.39
N GLN A 27 -11.05 7.14 -4.48
CA GLN A 27 -11.03 8.34 -5.30
C GLN A 27 -9.82 8.25 -6.23
N GLN A 28 -10.01 8.57 -7.50
CA GLN A 28 -8.89 8.74 -8.39
C GLN A 28 -8.51 10.21 -8.44
N THR A 29 -7.22 10.50 -8.34
CA THR A 29 -6.72 11.86 -8.38
C THR A 29 -5.86 12.15 -9.61
N ARG A 30 -5.52 11.12 -10.40
CA ARG A 30 -4.73 11.32 -11.62
C ARG A 30 -5.07 10.24 -12.63
N GLY A 31 -5.30 10.66 -13.88
CA GLY A 31 -5.56 9.73 -14.96
C GLY A 31 -4.28 9.13 -15.54
N GLU A 32 -4.47 8.08 -16.34
CA GLU A 32 -3.33 7.28 -16.80
C GLU A 32 -2.28 8.14 -17.49
N GLU A 33 -2.72 9.06 -18.38
CA GLU A 33 -1.77 9.84 -19.16
C GLU A 33 -0.93 10.75 -18.26
N GLY A 34 -1.58 11.47 -17.35
CA GLY A 34 -0.85 12.27 -16.39
C GLY A 34 0.01 11.43 -15.46
N CYS A 35 -0.39 10.19 -15.21
CA CYS A 35 0.45 9.28 -14.44
C CYS A 35 1.69 8.90 -15.24
N GLN A 36 1.51 8.63 -16.54
CA GLN A 36 2.64 8.31 -17.40
C GLN A 36 3.70 9.41 -17.36
N GLU A 37 3.28 10.67 -17.54
CA GLU A 37 4.23 11.77 -17.56
C GLU A 37 4.84 12.02 -16.18
N THR A 38 4.06 11.83 -15.12
CA THR A 38 4.59 12.02 -13.77
C THR A 38 5.59 10.93 -13.41
N SER A 39 5.39 9.71 -13.90
CA SER A 39 6.36 8.65 -13.67
C SER A 39 7.68 8.96 -14.34
N GLN A 40 7.64 9.61 -15.51
CA GLN A 40 8.86 9.91 -16.26
C GLN A 40 9.64 11.04 -15.61
N THR A 41 8.96 12.11 -15.22
CA THR A 41 9.65 13.25 -14.62
C THR A 41 9.90 13.09 -13.13
N GLY A 42 9.12 12.25 -12.46
CA GLY A 42 9.15 12.20 -11.02
C GLY A 42 8.61 13.43 -10.33
N ARG A 43 7.90 14.30 -11.05
CA ARG A 43 7.41 15.56 -10.52
C ARG A 43 5.90 15.47 -10.38
N ASP A 44 5.41 15.43 -9.14
CA ASP A 44 3.98 15.30 -8.84
C ASP A 44 3.56 16.50 -7.99
N LYS A 45 2.80 17.41 -8.61
CA LYS A 45 2.33 18.61 -7.93
C LYS A 45 1.00 18.41 -7.21
N ASN A 46 0.37 17.24 -7.34
CA ASN A 46 -0.96 17.05 -6.79
C ASN A 46 -0.95 17.07 -5.27
N GLN A 47 -2.03 17.59 -4.68
CA GLN A 47 -2.20 17.54 -3.24
C GLN A 47 -2.43 16.09 -2.80
N VAL A 48 -1.72 15.68 -1.76
CA VAL A 48 -1.88 14.34 -1.19
C VAL A 48 -2.70 14.45 0.07
N GLU A 49 -3.63 13.50 0.25
CA GLU A 49 -4.42 13.42 1.47
C GLU A 49 -4.60 11.97 1.87
N GLY A 50 -4.85 11.76 3.17
CA GLY A 50 -5.28 10.47 3.66
C GLY A 50 -4.15 9.50 3.92
N GLU A 51 -4.53 8.31 4.39
CA GLU A 51 -3.63 7.29 4.90
C GLU A 51 -3.27 6.23 3.86
N VAL A 52 -4.21 5.84 3.02
CA VAL A 52 -4.01 4.77 2.06
C VAL A 52 -4.06 5.38 0.66
N GLN A 53 -2.92 5.34 -0.02
CA GLN A 53 -2.82 5.81 -1.40
C GLN A 53 -2.95 4.64 -2.36
N ILE A 54 -3.51 4.93 -3.53
CA ILE A 54 -3.44 4.05 -4.68
C ILE A 54 -2.26 4.51 -5.51
N VAL A 55 -1.35 3.59 -5.84
CA VAL A 55 -0.12 3.95 -6.54
C VAL A 55 0.00 3.10 -7.79
N SER A 56 0.82 3.59 -8.72
N SER A 56 0.81 3.60 -8.72
CA SER A 56 0.97 2.90 -9.99
CA SER A 56 0.96 2.95 -10.01
C SER A 56 2.36 3.15 -10.55
C SER A 56 2.38 3.15 -10.53
N THR A 57 2.86 2.14 -11.25
CA THR A 57 4.01 2.26 -12.13
C THR A 57 3.48 2.21 -13.56
N ALA A 58 4.38 2.04 -14.53
CA ALA A 58 3.95 1.89 -15.92
C ALA A 58 3.18 0.59 -16.12
N THR A 59 3.43 -0.44 -15.29
CA THR A 59 2.91 -1.77 -15.55
C THR A 59 2.14 -2.39 -14.39
N GLN A 60 2.11 -1.76 -13.22
N GLN A 60 2.10 -1.75 -13.22
CA GLN A 60 1.43 -2.32 -12.06
CA GLN A 60 1.41 -2.32 -12.07
C GLN A 60 0.70 -1.23 -11.28
C GLN A 60 0.69 -1.22 -11.30
N THR A 61 -0.33 -1.63 -10.56
CA THR A 61 -1.02 -0.73 -9.64
C THR A 61 -1.30 -1.50 -8.35
N PHE A 62 -1.17 -0.80 -7.22
CA PHE A 62 -1.29 -1.39 -5.90
C PHE A 62 -1.50 -0.26 -4.92
N LEU A 63 -1.32 -0.54 -3.63
CA LEU A 63 -1.58 0.43 -2.58
C LEU A 63 -0.31 0.75 -1.79
N ALA A 64 -0.38 1.87 -1.08
CA ALA A 64 0.67 2.27 -0.15
C ALA A 64 0.04 2.96 1.05
N THR A 65 0.63 2.74 2.22
CA THR A 65 -0.01 3.07 3.49
C THR A 65 0.98 3.82 4.38
N SER A 66 0.56 4.98 4.88
CA SER A 66 1.39 5.78 5.78
C SER A 66 1.21 5.30 7.22
N ILE A 67 2.33 4.93 7.85
CA ILE A 67 2.36 4.59 9.27
C ILE A 67 3.59 5.25 9.87
N ASN A 68 3.37 6.08 10.90
CA ASN A 68 4.42 6.84 11.58
C ASN A 68 5.38 7.52 10.59
N GLY A 69 4.80 8.32 9.71
CA GLY A 69 5.58 9.20 8.87
C GLY A 69 6.30 8.53 7.73
N VAL A 70 5.98 7.28 7.44
CA VAL A 70 6.59 6.52 6.35
C VAL A 70 5.47 5.99 5.47
N LEU A 71 5.56 6.22 4.17
CA LEU A 71 4.66 5.59 3.20
C LEU A 71 5.22 4.22 2.84
N TRP A 72 4.51 3.17 3.24
CA TRP A 72 4.94 1.79 3.09
C TRP A 72 4.22 1.11 1.93
N THR A 73 4.92 0.20 1.24
CA THR A 73 4.29 -0.64 0.23
C THR A 73 5.14 -1.90 0.06
N VAL A 74 4.82 -2.72 -0.95
CA VAL A 74 5.46 -4.00 -1.19
C VAL A 74 6.57 -3.86 -2.22
N TYR A 75 7.66 -4.58 -1.99
CA TYR A 75 8.76 -4.61 -2.95
C TYR A 75 8.34 -5.23 -4.27
N HIS A 76 7.44 -6.22 -4.25
CA HIS A 76 7.04 -6.86 -5.50
C HIS A 76 6.21 -5.91 -6.37
N GLY A 77 5.77 -4.78 -5.84
CA GLY A 77 5.14 -3.75 -6.64
C GLY A 77 6.10 -2.63 -7.03
N ALA A 78 6.83 -2.10 -6.06
CA ALA A 78 7.65 -0.91 -6.29
C ALA A 78 9.08 -1.20 -6.68
N GLY A 79 9.57 -2.42 -6.46
CA GLY A 79 10.99 -2.66 -6.59
C GLY A 79 11.77 -1.62 -5.81
N THR A 80 12.86 -1.14 -6.41
CA THR A 80 13.70 -0.10 -5.81
C THR A 80 13.35 1.29 -6.34
N ARG A 81 12.16 1.46 -6.91
N ARG A 81 12.16 1.46 -6.90
CA ARG A 81 11.82 2.71 -7.58
CA ARG A 81 11.80 2.71 -7.56
C ARG A 81 11.69 3.87 -6.60
C ARG A 81 11.70 3.88 -6.59
N THR A 82 12.03 5.06 -7.10
CA THR A 82 11.69 6.29 -6.42
C THR A 82 10.17 6.53 -6.50
N ILE A 83 9.68 7.46 -5.71
CA ILE A 83 8.30 7.91 -5.78
C ILE A 83 8.29 9.38 -6.22
N ALA A 84 7.31 9.74 -7.05
CA ALA A 84 7.19 11.12 -7.51
C ALA A 84 6.73 12.02 -6.38
N SER A 85 7.25 13.25 -6.39
CA SER A 85 6.93 14.25 -5.38
C SER A 85 7.01 15.62 -6.01
N PRO A 86 6.50 16.65 -5.34
CA PRO A 86 6.41 17.97 -5.99
C PRO A 86 7.73 18.49 -6.51
N LYS A 87 8.85 18.12 -5.88
CA LYS A 87 10.16 18.61 -6.29
C LYS A 87 11.04 17.52 -6.89
N GLY A 88 10.46 16.39 -7.28
CA GLY A 88 11.20 15.37 -7.99
C GLY A 88 11.21 14.02 -7.32
N PRO A 89 11.91 13.07 -7.94
CA PRO A 89 11.91 11.69 -7.40
C PRO A 89 12.49 11.65 -5.99
N VAL A 90 11.85 10.85 -5.15
CA VAL A 90 12.28 10.64 -3.77
C VAL A 90 12.77 9.20 -3.64
N THR A 91 14.00 9.03 -3.19
CA THR A 91 14.60 7.71 -3.03
C THR A 91 14.03 7.01 -1.79
N GLN A 92 13.89 5.70 -1.88
CA GLN A 92 13.40 4.91 -0.77
C GLN A 92 14.30 5.10 0.45
N MET A 93 13.70 5.19 1.64
CA MET A 93 14.46 5.17 2.87
C MET A 93 14.46 3.82 3.56
N TYR A 94 13.60 2.89 3.13
CA TYR A 94 13.63 1.51 3.56
C TYR A 94 13.44 0.61 2.36
N THR A 95 14.23 -0.47 2.32
CA THR A 95 14.08 -1.51 1.30
C THR A 95 14.43 -2.84 1.95
N ASN A 96 13.50 -3.80 1.93
CA ASN A 96 13.76 -5.14 2.44
C ASN A 96 13.05 -6.18 1.58
N VAL A 97 13.80 -6.75 0.64
CA VAL A 97 13.25 -7.76 -0.26
C VAL A 97 12.85 -9.01 0.51
N ASP A 98 13.53 -9.29 1.63
CA ASP A 98 13.22 -10.47 2.42
C ASP A 98 11.86 -10.36 3.11
N LYS A 99 11.40 -9.14 3.39
CA LYS A 99 10.07 -8.90 3.93
C LYS A 99 9.07 -8.48 2.86
N ASP A 100 9.50 -8.28 1.62
CA ASP A 100 8.66 -7.74 0.56
C ASP A 100 8.17 -6.34 0.92
N LEU A 101 9.08 -5.52 1.46
CA LEU A 101 8.74 -4.25 2.06
C LEU A 101 9.61 -3.14 1.52
N VAL A 102 9.01 -2.00 1.21
CA VAL A 102 9.75 -0.78 0.94
C VAL A 102 9.02 0.38 1.59
N GLY A 103 9.73 1.49 1.77
CA GLY A 103 9.15 2.68 2.35
C GLY A 103 9.85 3.95 1.91
N TRP A 104 9.06 5.01 1.71
CA TRP A 104 9.54 6.36 1.50
C TRP A 104 9.01 7.25 2.62
N GLN A 105 9.66 8.40 2.82
CA GLN A 105 9.08 9.43 3.68
C GLN A 105 7.65 9.70 3.24
N ALA A 106 6.76 9.83 4.22
CA ALA A 106 5.36 10.08 3.90
C ALA A 106 5.18 11.43 3.21
N PRO A 107 4.36 11.51 2.16
CA PRO A 107 4.20 12.79 1.47
C PRO A 107 3.62 13.87 2.36
N GLN A 108 4.01 15.11 2.08
CA GLN A 108 3.38 16.26 2.70
C GLN A 108 1.88 16.21 2.43
N GLY A 109 1.09 16.36 3.49
CA GLY A 109 -0.35 16.30 3.40
C GLY A 109 -0.95 14.94 3.71
N SER A 110 -0.15 13.88 3.67
CA SER A 110 -0.62 12.57 4.10
C SER A 110 -0.99 12.60 5.58
N ARG A 111 -1.80 11.63 5.98
CA ARG A 111 -2.05 11.32 7.39
C ARG A 111 -1.52 9.92 7.65
N SER A 112 -0.90 9.71 8.81
CA SER A 112 -0.30 8.43 9.16
C SER A 112 -1.18 7.66 10.13
N LEU A 113 -1.28 6.36 9.92
CA LEU A 113 -1.89 5.49 10.91
C LEU A 113 -0.94 5.30 12.09
N THR A 114 -1.53 5.03 13.25
CA THR A 114 -0.75 4.75 14.46
C THR A 114 -0.50 3.25 14.58
N PRO A 115 0.70 2.79 14.96
CA PRO A 115 0.90 1.35 15.11
C PRO A 115 0.02 0.78 16.22
N CYS A 116 -0.58 -0.38 15.96
CA CYS A 116 -1.46 -1.02 16.94
C CYS A 116 -0.66 -1.61 18.10
N THR A 117 -1.13 -1.36 19.32
CA THR A 117 -0.64 -2.08 20.49
C THR A 117 -1.77 -2.77 21.24
N CYS A 118 -2.91 -2.99 20.57
CA CYS A 118 -4.09 -3.54 21.23
C CYS A 118 -3.92 -5.04 21.52
N GLY A 119 -3.10 -5.74 20.74
CA GLY A 119 -3.02 -7.19 20.85
C GLY A 119 -4.26 -7.91 20.39
N SER A 120 -5.09 -7.29 19.55
CA SER A 120 -6.35 -7.87 19.11
C SER A 120 -6.15 -8.73 17.87
N SER A 121 -7.01 -9.74 17.72
CA SER A 121 -6.98 -10.62 16.55
C SER A 121 -8.19 -10.42 15.64
N ASP A 122 -9.02 -9.43 15.90
CA ASP A 122 -10.15 -9.09 15.03
C ASP A 122 -9.71 -7.93 14.15
N LEU A 123 -9.35 -8.25 12.90
CA LEU A 123 -8.75 -7.29 12.00
C LEU A 123 -9.67 -6.98 10.82
N TYR A 124 -9.27 -5.96 10.07
CA TYR A 124 -10.01 -5.45 8.93
C TYR A 124 -9.03 -5.08 7.83
N LEU A 125 -9.20 -5.70 6.66
CA LEU A 125 -8.35 -5.46 5.51
C LEU A 125 -9.03 -4.45 4.58
N VAL A 126 -8.30 -3.40 4.22
CA VAL A 126 -8.81 -2.37 3.32
C VAL A 126 -8.24 -2.60 1.93
N THR A 127 -9.13 -2.74 0.95
CA THR A 127 -8.73 -3.03 -0.42
C THR A 127 -8.76 -1.77 -1.27
N ARG A 128 -8.25 -1.90 -2.50
CA ARG A 128 -8.17 -0.79 -3.42
C ARG A 128 -9.54 -0.37 -3.93
N HIS A 129 -10.55 -1.23 -3.79
CA HIS A 129 -11.93 -0.91 -4.11
C HIS A 129 -12.69 -0.41 -2.89
N ALA A 130 -11.98 -0.09 -1.81
CA ALA A 130 -12.55 0.44 -0.57
C ALA A 130 -13.46 -0.56 0.12
N ASP A 131 -13.29 -1.85 -0.15
CA ASP A 131 -13.90 -2.88 0.69
C ASP A 131 -13.14 -2.99 1.99
N VAL A 132 -13.88 -3.15 3.09
CA VAL A 132 -13.31 -3.36 4.40
C VAL A 132 -13.67 -4.79 4.81
N ILE A 133 -12.69 -5.68 4.76
CA ILE A 133 -12.90 -7.12 4.81
C ILE A 133 -12.51 -7.61 6.20
N PRO A 134 -13.44 -8.14 7.00
CA PRO A 134 -13.06 -8.72 8.29
C PRO A 134 -12.13 -9.91 8.12
N VAL A 135 -11.08 -9.92 8.94
CA VAL A 135 -10.02 -10.93 8.93
C VAL A 135 -9.70 -11.30 10.37
N ARG A 136 -9.69 -12.60 10.67
CA ARG A 136 -9.27 -13.10 11.97
C ARG A 136 -7.77 -13.38 11.92
N ARG A 137 -7.01 -12.75 12.79
CA ARG A 137 -5.58 -13.01 12.85
C ARG A 137 -5.35 -14.45 13.28
N ARG A 138 -4.46 -15.14 12.57
CA ARG A 138 -4.20 -16.56 12.82
C ARG A 138 -2.74 -16.84 13.16
N GLY A 139 -1.89 -15.82 13.15
CA GLY A 139 -0.49 -15.99 13.44
C GLY A 139 0.21 -14.65 13.37
N ASP A 140 1.53 -14.68 13.43
CA ASP A 140 2.27 -13.41 13.40
C ASP A 140 2.06 -12.68 12.08
N SER A 141 1.84 -13.41 10.99
CA SER A 141 1.78 -12.77 9.67
C SER A 141 0.65 -13.33 8.80
N ARG A 142 -0.35 -13.95 9.40
CA ARG A 142 -1.45 -14.56 8.65
C ARG A 142 -2.79 -14.22 9.29
N GLY A 143 -3.80 -14.09 8.43
CA GLY A 143 -5.17 -13.97 8.89
C GLY A 143 -6.11 -14.62 7.90
N SER A 144 -7.23 -15.13 8.41
CA SER A 144 -8.24 -15.78 7.58
C SER A 144 -9.39 -14.82 7.29
N LEU A 145 -9.87 -14.84 6.06
CA LEU A 145 -11.05 -14.06 5.71
C LEU A 145 -12.27 -14.70 6.35
N LEU A 146 -13.10 -13.88 7.02
CA LEU A 146 -14.34 -14.41 7.55
C LEU A 146 -15.28 -14.83 6.42
N SER A 147 -15.23 -14.11 5.30
CA SER A 147 -16.00 -14.44 4.10
C SER A 147 -15.03 -14.57 2.93
N PRO A 148 -14.62 -15.79 2.57
CA PRO A 148 -13.72 -15.97 1.41
C PRO A 148 -14.31 -15.43 0.12
N ARG A 149 -13.43 -15.10 -0.82
CA ARG A 149 -13.87 -14.59 -2.11
C ARG A 149 -12.75 -14.79 -3.12
N PRO A 150 -13.06 -14.77 -4.42
CA PRO A 150 -12.01 -15.00 -5.42
C PRO A 150 -10.87 -14.03 -5.25
N ILE A 151 -9.66 -14.51 -5.58
CA ILE A 151 -8.47 -13.68 -5.45
C ILE A 151 -8.57 -12.43 -6.33
N SER A 152 -9.40 -12.46 -7.36
CA SER A 152 -9.62 -11.30 -8.20
C SER A 152 -9.99 -10.07 -7.38
N TYR A 153 -10.71 -10.26 -6.27
CA TYR A 153 -11.16 -9.12 -5.47
C TYR A 153 -10.05 -8.53 -4.62
N LEU A 154 -8.96 -9.28 -4.39
CA LEU A 154 -7.81 -8.81 -3.64
C LEU A 154 -6.66 -8.34 -4.52
N LYS A 155 -6.65 -8.71 -5.80
CA LYS A 155 -5.58 -8.30 -6.69
C LYS A 155 -5.51 -6.78 -6.75
N GLY A 156 -4.30 -6.26 -6.62
CA GLY A 156 -4.08 -4.82 -6.63
C GLY A 156 -4.18 -4.15 -5.29
N SER A 157 -4.34 -4.92 -4.20
CA SER A 157 -4.47 -4.35 -2.87
C SER A 157 -3.24 -4.61 -2.00
N SER A 158 -2.19 -5.24 -2.53
CA SER A 158 -0.95 -5.33 -1.78
C SER A 158 -0.48 -3.92 -1.41
N GLY A 159 0.12 -3.80 -0.23
CA GLY A 159 0.46 -2.51 0.30
C GLY A 159 -0.64 -1.84 1.11
N GLY A 160 -1.84 -2.40 1.10
CA GLY A 160 -2.92 -1.88 1.92
C GLY A 160 -2.80 -2.35 3.35
N PRO A 161 -3.56 -1.70 4.23
CA PRO A 161 -3.46 -2.00 5.65
C PRO A 161 -4.44 -3.05 6.14
N LEU A 162 -3.97 -3.80 7.13
CA LEU A 162 -4.84 -4.50 8.07
C LEU A 162 -4.94 -3.64 9.32
N LEU A 163 -6.17 -3.40 9.77
CA LEU A 163 -6.44 -2.54 10.92
C LEU A 163 -7.08 -3.33 12.05
N CYS A 164 -6.90 -2.84 13.26
CA CYS A 164 -7.56 -3.39 14.45
C CYS A 164 -8.94 -2.75 14.57
N PRO A 165 -9.74 -3.13 15.57
CA PRO A 165 -11.05 -2.50 15.73
C PRO A 165 -10.98 -1.00 15.96
N ALA A 166 -9.89 -0.50 16.56
CA ALA A 166 -9.74 0.91 16.86
C ALA A 166 -9.09 1.71 15.72
N GLY A 167 -8.87 1.09 14.57
CA GLY A 167 -8.31 1.80 13.44
C GLY A 167 -6.81 1.96 13.44
N HIS A 168 -6.09 1.25 14.32
CA HIS A 168 -4.64 1.24 14.27
C HIS A 168 -4.14 0.28 13.20
N ALA A 169 -2.93 0.53 12.69
CA ALA A 169 -2.32 -0.33 11.69
C ALA A 169 -1.73 -1.56 12.37
N VAL A 170 -2.14 -2.74 11.90
CA VAL A 170 -1.61 -4.01 12.40
C VAL A 170 -0.61 -4.59 11.42
N GLY A 171 -0.76 -4.29 10.14
CA GLY A 171 0.17 -4.83 9.15
C GLY A 171 -0.13 -4.35 7.75
N ILE A 172 0.75 -4.75 6.84
CA ILE A 172 0.69 -4.38 5.42
C ILE A 172 0.41 -5.66 4.61
N PHE A 173 -0.67 -5.62 3.84
CA PHE A 173 -1.08 -6.78 3.03
C PHE A 173 0.00 -7.12 2.00
N ARG A 174 0.42 -8.39 2.01
CA ARG A 174 1.52 -8.86 1.18
C ARG A 174 1.10 -9.91 0.16
N ALA A 175 0.36 -10.94 0.57
CA ALA A 175 0.04 -12.04 -0.33
C ALA A 175 -1.28 -12.69 0.07
N ALA A 176 -1.90 -13.36 -0.91
CA ALA A 176 -3.16 -14.07 -0.71
C ALA A 176 -2.92 -15.57 -0.75
N VAL A 177 -3.50 -16.28 0.22
CA VAL A 177 -3.47 -17.74 0.27
C VAL A 177 -4.78 -18.22 -0.35
N SER A 178 -4.68 -18.92 -1.49
CA SER A 178 -5.87 -19.31 -2.22
C SER A 178 -5.92 -20.82 -2.44
N THR A 179 -7.15 -21.32 -2.53
CA THR A 179 -7.43 -22.70 -2.92
C THR A 179 -8.47 -22.63 -4.03
N ARG A 180 -8.15 -23.19 -5.19
CA ARG A 180 -9.07 -23.17 -6.33
C ARG A 180 -9.48 -21.74 -6.63
N GLY A 181 -8.52 -20.82 -6.57
CA GLY A 181 -8.76 -19.43 -6.89
C GLY A 181 -9.54 -18.66 -5.84
N VAL A 182 -9.85 -19.26 -4.70
CA VAL A 182 -10.60 -18.60 -3.65
C VAL A 182 -9.64 -18.21 -2.53
N ALA A 183 -9.67 -16.94 -2.14
CA ALA A 183 -8.83 -16.43 -1.05
C ALA A 183 -9.46 -16.81 0.27
N LYS A 184 -8.80 -17.70 1.02
CA LYS A 184 -9.23 -18.04 2.37
C LYS A 184 -8.45 -17.31 3.45
N ALA A 185 -7.24 -16.87 3.14
CA ALA A 185 -6.38 -16.24 4.13
C ALA A 185 -5.47 -15.25 3.42
N VAL A 186 -4.83 -14.38 4.20
CA VAL A 186 -3.91 -13.40 3.69
C VAL A 186 -2.64 -13.41 4.54
N ALA A 187 -1.52 -13.09 3.92
CA ALA A 187 -0.27 -12.87 4.61
C ALA A 187 0.07 -11.38 4.60
N PHE A 188 0.63 -10.89 5.69
CA PHE A 188 0.91 -9.48 5.83
C PHE A 188 2.21 -9.25 6.60
N ILE A 189 2.80 -8.08 6.38
CA ILE A 189 3.98 -7.65 7.11
C ILE A 189 3.51 -7.05 8.42
N PRO A 190 3.81 -7.66 9.57
CA PRO A 190 3.33 -7.11 10.84
C PRO A 190 3.93 -5.74 11.10
N VAL A 191 3.15 -4.88 11.75
CA VAL A 191 3.61 -3.52 12.04
C VAL A 191 4.87 -3.55 12.89
N GLU A 192 5.02 -4.54 13.76
CA GLU A 192 6.23 -4.66 14.55
C GLU A 192 7.46 -4.82 13.65
N SER A 193 7.29 -5.52 12.53
CA SER A 193 8.38 -5.70 11.59
C SER A 193 8.71 -4.39 10.89
N LEU A 194 7.70 -3.57 10.60
CA LEU A 194 7.96 -2.21 10.15
C LEU A 194 8.72 -1.42 11.20
N GLU A 195 8.23 -1.44 12.45
CA GLU A 195 8.87 -0.66 13.52
C GLU A 195 10.30 -1.12 13.76
N THR A 196 10.59 -2.40 13.56
CA THR A 196 11.97 -2.87 13.63
C THR A 196 12.80 -2.33 12.47
N THR A 197 12.24 -2.38 11.26
CA THR A 197 12.94 -1.83 10.11
C THR A 197 13.30 -0.37 10.32
N MET A 198 12.42 0.38 10.99
CA MET A 198 12.68 1.79 11.25
C MET A 198 13.83 1.97 12.24
C1 EDO B . 7.74 -3.80 -12.76
O1 EDO B . 8.78 -3.88 -13.74
C2 EDO B . 7.04 -5.14 -12.67
O2 EDO B . 6.20 -5.33 -13.82
H11 EDO B . 7.03 -3.02 -13.05
H12 EDO B . 8.16 -3.52 -11.79
HO1 EDO B . 9.09 -2.99 -13.95
H21 EDO B . 7.78 -5.95 -12.62
H22 EDO B . 6.43 -5.18 -11.76
HO2 EDO B . 5.80 -6.20 -13.79
C1 EDO C . -7.47 -6.68 23.69
O1 EDO C . -7.51 -5.73 22.62
C2 EDO C . -7.90 -8.05 23.18
O2 EDO C . -9.09 -7.92 22.39
H11 EDO C . -8.14 -6.36 24.50
H12 EDO C . -6.46 -6.75 24.10
HO1 EDO C . -7.24 -4.87 22.95
H21 EDO C . -8.08 -8.72 24.02
H22 EDO C . -7.10 -8.49 22.57
HO2 EDO C . -9.41 -8.79 22.13
ZN ZN D . -5.16 -1.41 17.98
C1 EDO E . 4.04 -15.57 5.12
O1 EDO E . 3.42 -15.47 6.41
C2 EDO E . 5.31 -16.40 5.24
O2 EDO E . 6.10 -15.86 6.31
H11 EDO E . 4.29 -14.57 4.75
H12 EDO E . 3.36 -16.03 4.41
HO1 EDO E . 2.66 -14.88 6.35
H21 EDO E . 5.05 -17.44 5.45
H22 EDO E . 5.86 -16.38 4.30
HO2 EDO E . 6.97 -16.28 6.30
C1 EDO F . -9.40 -0.36 -9.62
O1 EDO F . -8.57 0.78 -9.44
C2 EDO F . -9.62 -0.63 -11.10
O2 EDO F . -9.14 -1.95 -11.37
H11 EDO F . -10.37 -0.19 -9.13
H12 EDO F . -8.94 -1.23 -9.14
HO1 EDO F . -8.53 1.02 -8.51
H21 EDO F . -10.67 -0.56 -11.35
H22 EDO F . -9.07 0.10 -11.70
HO2 EDO F . -9.29 -2.17 -12.30
C13 ZJP G . -2.38 -10.38 -3.59
C15 ZJP G . 0.30 -15.11 -4.35
C22 ZJP G . -0.96 -14.33 -6.41
C24 ZJP G . 5.52 -12.37 -3.28
C28 ZJP G . 8.06 -11.30 -2.27
C01 ZJP G . 2.10 -11.58 -4.27
C02 ZJP G . 3.40 -11.38 -5.29
C04 ZJP G . 0.79 -10.88 -4.48
C05 ZJP G . 4.03 -12.52 -5.14
C06 ZJP G . 2.84 -13.58 -5.43
C08 ZJP G . 0.53 -13.63 -3.96
C11 ZJP G . -1.14 -9.52 -3.79
C12 ZJP G . -1.37 -8.36 -4.76
C14 ZJP G . -2.06 -9.32 -2.59
C18 ZJP G . -1.03 -15.22 -5.12
C19 ZJP G . 1.39 -16.24 -2.39
C23 ZJP G . -2.33 -14.33 -7.16
C25 ZJP G . 5.87 -12.44 -1.77
C27 ZJP G . 7.70 -11.25 -3.73
C29 ZJP G . 8.65 -10.62 -4.77
C31 ZJP G . 9.41 -10.72 -1.78
C32 ZJP G . 4.88 -13.08 -0.77
C33 ZJP G . 9.99 -10.04 -4.29
C34 ZJP G . 10.36 -10.10 -2.81
C36 ZJP G . 10.40 -9.57 -6.57
C42 ZJP G . 0.89 -6.50 -7.72
C43 ZJP G . 1.03 -5.16 -8.45
C44 ZJP G . 1.89 -5.47 -7.20
C45 ZJP G . 1.48 -7.76 -8.41
C46 ZJP G . -3.81 -10.44 -4.20
C47 ZJP G . -4.11 -11.46 -5.03
C48 ZJP G . -3.05 -12.55 -5.35
C49 ZJP G . -3.45 -13.46 -6.52
C50 ZJP G . 2.35 -17.45 -0.53
C51 ZJP G . 3.05 -16.52 0.09
C52 ZJP G . 2.42 -16.39 1.63
C53 ZJP G . 1.41 -17.31 1.72
C54 ZJP G . 1.78 -18.40 0.65
N03 ZJP G . 1.75 -12.92 -4.45
N10 ZJP G . 0.22 -9.97 -3.47
N17 ZJP G . 0.19 -15.89 -3.15
N26 ZJP G . 6.43 -11.77 -4.24
N30 ZJP G . 7.13 -11.90 -1.30
N37 ZJP G . -0.26 -7.95 -5.61
O07 ZJP G . 4.31 -12.88 -3.75
O09 ZJP G . 0.14 -11.14 -5.44
O16 ZJP G . -0.25 -13.07 -3.26
O20 ZJP G . 1.18 -16.84 -1.14
O21 ZJP G . 2.50 -16.02 -2.81
O35 ZJP G . 10.85 -9.47 -5.24
O38 ZJP G . -2.40 -7.78 -4.81
O40 ZJP G . -1.74 -7.04 -7.50
O41 ZJP G . -0.98 -5.44 -5.99
S39 ZJP G . -0.60 -6.68 -6.67
H131 ZJP G . -2.26 -10.93 -2.79
H151 ZJP G . 1.03 -15.42 -4.90
H222 ZJP G . -0.27 -14.68 -6.99
H221 ZJP G . -0.74 -13.42 -6.14
H011 ZJP G . 2.48 -11.24 -3.44
H022 ZJP G . 3.96 -10.64 -5.01
H021 ZJP G . 3.11 -11.26 -6.20
H051 ZJP G . 4.82 -12.49 -5.69
H062 ZJP G . 2.57 -13.56 -6.36
H061 ZJP G . 3.08 -14.48 -5.16
H141 ZJP G . -1.72 -9.64 -1.73
H142 ZJP G . -2.63 -8.53 -2.62
H181 ZJP G . -1.76 -14.92 -4.56
H182 ZJP G . -1.18 -16.14 -5.38
H231 ZJP G . -2.17 -14.00 -8.06
H232 ZJP G . -2.63 -15.24 -7.21
H291 ZJP G . 8.42 -10.59 -5.67
H311 ZJP G . 9.64 -10.74 -0.88
H321 ZJP G . 5.37 -13.59 -0.12
H322 ZJP G . 4.27 -13.67 -1.25
H323 ZJP G . 4.38 -12.38 -0.33
H341 ZJP G . 11.18 -9.75 -2.52
H363 ZJP G . 11.08 -9.21 -7.16
H362 ZJP G . 9.59 -9.05 -6.66
H361 ZJP G . 10.23 -10.49 -6.79
H431 ZJP G . 1.50 -5.20 -9.29
H432 ZJP G . 0.31 -4.53 -8.31
H442 ZJP G . 2.82 -5.68 -7.38
H441 ZJP G . 1.63 -5.01 -6.39
H451 ZJP G . 1.35 -8.52 -7.84
H452 ZJP G . 2.43 -7.61 -8.57
H453 ZJP G . 1.02 -7.89 -9.26
H461 ZJP G . -4.44 -9.78 -3.99
H471 ZJP G . -4.95 -11.51 -5.41
H481 ZJP G . -2.93 -13.11 -4.55
H482 ZJP G . -2.21 -12.12 -5.57
H492 ZJP G . -3.82 -12.89 -7.22
H491 ZJP G . -4.15 -14.07 -6.20
H501 ZJP G . 2.90 -17.92 -1.16
H511 ZJP G . 3.98 -16.79 0.13
H512 ZJP G . 2.96 -15.68 -0.38
H521 ZJP G . 3.11 -16.59 2.29
H522 ZJP G . 2.06 -15.49 1.76
H531 ZJP G . 0.57 -16.89 1.52
H532 ZJP G . 1.40 -17.69 2.62
H541 ZJP G . 0.99 -18.89 0.36
H542 ZJP G . 2.46 -19.00 0.97
H101 ZJP G . 0.64 -9.73 -2.75
H171 ZJP G . -0.58 -16.16 -2.87
H371 ZJP G . 0.51 -8.33 -5.56
C1 EDO H . -1.44 -5.16 -14.42
O1 EDO H . -2.33 -4.52 -13.49
C2 EDO H . -2.06 -6.45 -14.95
O2 EDO H . -1.94 -7.49 -13.97
H11 EDO H . -0.49 -5.38 -13.93
H12 EDO H . -1.23 -4.48 -15.25
HO1 EDO H . -1.93 -3.70 -13.17
H21 EDO H . -1.54 -6.75 -15.87
H22 EDO H . -3.10 -6.28 -15.20
HO2 EDO H . -2.56 -8.20 -14.19
S SO4 I . 13.48 -6.98 -8.89
O1 SO4 I . 14.54 -6.91 -7.87
O2 SO4 I . 12.45 -7.90 -8.43
O3 SO4 I . 12.90 -5.66 -9.08
O4 SO4 I . 14.03 -7.46 -10.15
#